data_6R15
#
_entry.id   6R15
#
_cell.length_a   80.450
_cell.length_b   80.450
_cell.length_c   182.550
_cell.angle_alpha   90.00
_cell.angle_beta   90.00
_cell.angle_gamma   120.00
#
_symmetry.space_group_name_H-M   'P 63 2 2'
#
loop_
_entity.id
_entity.type
_entity.pdbx_description
1 polymer 'SUN domain-containing protein 1'
2 polymer Nesprin-1
3 non-polymer 'POTASSIUM ION'
4 non-polymer 'TRIETHYLENE GLYCOL'
5 non-polymer '4-(2-HYDROXYETHYL)-1-PIPERAZINE ETHANESULFONIC ACID'
6 water water
#
loop_
_entity_poly.entity_id
_entity_poly.type
_entity_poly.pdbx_seq_one_letter_code
_entity_poly.pdbx_strand_id
1 'polypeptide(L)'
;GSGGSGGITEAQARAIVNSALKLYSQDKTGMVDFALESGGGSILSTRCSETYETKTALMSLFGIPLWYFSQSPRVVIQPD
IYPGNCWAFKGSQGYLVVRLSMMIHPAAFTLEHIPKTLSPTGNISSAPKDFAVYGLENEYQEEGQLLGQFTYDQDGESLQ
MFQALKRPDDTAFQIVELRIFSNWGHPEYTCLYRFRVHGEPVK
;
A
2 'polypeptide(L)' GSMEEDYSCALSNNFARSFHPMLRYTNGPPPL B
#
loop_
_chem_comp.id
_chem_comp.type
_chem_comp.name
_chem_comp.formula
EPE non-polymer '4-(2-HYDROXYETHYL)-1-PIPERAZINE ETHANESULFONIC ACID' 'C8 H18 N2 O4 S'
K non-polymer 'POTASSIUM ION' 'K 1'
PGE non-polymer 'TRIETHYLENE GLYCOL' 'C6 H14 O4'
#
# COMPACT_ATOMS: atom_id res chain seq x y z
N GLY A 6 23.72 36.87 6.71
CA GLY A 6 23.31 35.78 5.85
C GLY A 6 23.52 34.37 6.39
N GLY A 7 24.47 34.21 7.34
CA GLY A 7 24.85 32.91 7.84
C GLY A 7 24.18 32.53 9.15
N ILE A 8 24.08 31.24 9.38
CA ILE A 8 23.37 30.73 10.55
C ILE A 8 24.35 30.42 11.69
N THR A 9 23.83 30.48 12.92
CA THR A 9 24.60 30.14 14.10
C THR A 9 24.55 28.64 14.40
N GLU A 10 25.41 28.20 15.34
CA GLU A 10 25.40 26.81 15.78
C GLU A 10 24.05 26.46 16.42
N ALA A 11 23.49 27.36 17.24
CA ALA A 11 22.17 27.08 17.83
C ALA A 11 21.10 26.85 16.76
N GLN A 12 21.10 27.69 15.72
CA GLN A 12 20.11 27.56 14.66
C GLN A 12 20.30 26.27 13.86
N ALA A 13 21.55 25.86 13.62
CA ALA A 13 21.82 24.61 12.93
C ALA A 13 21.36 23.40 13.74
N ARG A 14 21.58 23.46 15.06
CA ARG A 14 21.10 22.37 15.91
C ARG A 14 19.58 22.27 15.88
N ALA A 15 18.88 23.40 15.90
CA ALA A 15 17.41 23.36 15.84
C ALA A 15 16.89 22.75 14.54
N ILE A 16 17.52 23.06 13.40
CA ILE A 16 17.11 22.49 12.10
C ILE A 16 17.33 20.96 12.07
N VAL A 17 18.47 20.49 12.60
CA VAL A 17 18.78 19.06 12.64
C VAL A 17 17.76 18.33 13.52
N ASN A 18 17.52 18.85 14.72
CA ASN A 18 16.61 18.19 15.67
C ASN A 18 15.17 18.14 15.14
N SER A 19 14.74 19.20 14.43
CA SER A 19 13.38 19.20 13.86
CA SER A 19 13.39 19.22 13.85
CA SER A 19 13.39 19.21 13.85
C SER A 19 13.25 18.18 12.74
N ALA A 20 14.28 18.04 11.91
CA ALA A 20 14.27 17.03 10.84
C ALA A 20 14.23 15.59 11.38
N LEU A 21 15.02 15.29 12.42
CA LEU A 21 14.96 13.94 13.02
C LEU A 21 13.62 13.69 13.72
N LYS A 22 12.99 14.73 14.31
CA LYS A 22 11.68 14.52 14.92
C LYS A 22 10.63 14.12 13.87
N LEU A 23 10.61 14.80 12.72
CA LEU A 23 9.68 14.42 11.66
C LEU A 23 9.99 13.02 11.12
N TYR A 24 11.29 12.72 10.92
CA TYR A 24 11.70 11.40 10.44
C TYR A 24 11.15 10.29 11.34
N SER A 25 11.25 10.48 12.65
CA SER A 25 10.79 9.48 13.61
C SER A 25 9.27 9.29 13.60
N GLN A 26 8.50 10.21 13.04
CA GLN A 26 7.03 10.12 13.01
C GLN A 26 6.55 9.49 11.71
N ASP A 27 7.01 8.26 11.44
CA ASP A 27 6.65 7.56 10.20
C ASP A 27 7.03 8.37 8.97
N LYS A 28 8.17 9.11 9.04
CA LYS A 28 8.69 10.00 7.98
C LYS A 28 7.86 11.24 7.63
N THR A 29 6.54 11.20 7.80
CA THR A 29 5.61 12.20 7.28
C THR A 29 4.95 13.07 8.34
N GLY A 30 4.82 12.57 9.56
CA GLY A 30 4.07 13.30 10.56
C GLY A 30 2.56 13.31 10.38
N MET A 31 2.00 12.37 9.62
CA MET A 31 0.56 12.30 9.33
C MET A 31 0.02 10.92 9.65
N VAL A 32 -1.21 10.84 10.18
CA VAL A 32 -1.86 9.54 10.42
C VAL A 32 -1.98 8.74 9.12
N ASP A 33 -1.69 7.40 9.20
CA ASP A 33 -1.96 6.45 8.10
C ASP A 33 -3.15 5.56 8.50
N PHE A 34 -4.34 5.86 7.94
CA PHE A 34 -5.55 5.11 8.30
C PHE A 34 -5.60 3.70 7.69
N ALA A 35 -4.62 3.33 6.84
CA ALA A 35 -4.55 1.96 6.33
C ALA A 35 -3.64 1.04 7.15
N LEU A 36 -2.79 1.61 8.03
CA LEU A 36 -1.80 0.83 8.76
C LEU A 36 -2.43 -0.31 9.55
N GLU A 37 -1.91 -1.54 9.38
CA GLU A 37 -2.56 -2.70 9.97
C GLU A 37 -2.56 -2.62 11.52
N SER A 38 -1.40 -2.29 12.13
CA SER A 38 -1.33 -2.30 13.59
C SER A 38 -2.30 -1.26 14.20
N GLY A 39 -2.63 -0.21 13.44
CA GLY A 39 -3.53 0.84 13.87
C GLY A 39 -5.00 0.63 13.57
N GLY A 40 -5.41 -0.49 12.99
CA GLY A 40 -6.82 -0.76 12.73
C GLY A 40 -7.20 -0.99 11.26
N GLY A 41 -6.27 -0.85 10.28
CA GLY A 41 -6.56 -1.17 8.87
C GLY A 41 -6.47 -2.66 8.55
N SER A 42 -7.12 -3.08 7.46
CA SER A 42 -7.05 -4.49 7.06
C SER A 42 -7.24 -4.66 5.55
N ILE A 43 -6.68 -5.78 5.04
CA ILE A 43 -6.86 -6.20 3.65
C ILE A 43 -8.11 -7.09 3.59
N LEU A 44 -9.10 -6.64 2.80
CA LEU A 44 -10.34 -7.39 2.58
C LEU A 44 -10.25 -8.35 1.38
N SER A 45 -9.63 -7.92 0.28
CA SER A 45 -9.70 -8.66 -0.98
C SER A 45 -8.59 -8.25 -1.95
N THR A 46 -8.23 -9.20 -2.82
CA THR A 46 -7.37 -8.94 -3.98
C THR A 46 -8.09 -9.15 -5.32
N ARG A 47 -9.42 -9.33 -5.31
CA ARG A 47 -10.23 -9.56 -6.55
C ARG A 47 -9.57 -10.70 -7.33
N CYS A 48 -9.38 -10.57 -8.64
CA CYS A 48 -8.80 -11.64 -9.44
C CYS A 48 -7.26 -11.56 -9.57
N SER A 49 -6.57 -10.77 -8.75
CA SER A 49 -5.11 -10.75 -8.78
C SER A 49 -4.55 -12.13 -8.42
N GLU A 50 -3.43 -12.50 -9.04
CA GLU A 50 -2.77 -13.77 -8.75
C GLU A 50 -1.40 -13.53 -8.12
N THR A 51 -1.23 -13.94 -6.87
CA THR A 51 0.06 -13.79 -6.22
C THR A 51 1.11 -14.61 -6.98
N TYR A 52 2.27 -14.02 -7.20
CA TYR A 52 3.26 -14.65 -8.07
C TYR A 52 3.88 -15.86 -7.38
N GLU A 53 3.78 -17.03 -8.01
CA GLU A 53 4.22 -18.28 -7.39
C GLU A 53 5.57 -18.67 -7.97
N THR A 54 6.62 -18.45 -7.20
CA THR A 54 7.96 -18.70 -7.71
C THR A 54 8.47 -20.09 -7.34
N LYS A 55 8.09 -20.63 -6.17
CA LYS A 55 8.53 -21.94 -5.72
C LYS A 55 10.05 -22.02 -5.54
N THR A 56 10.64 -20.97 -4.97
CA THR A 56 12.08 -20.92 -4.75
C THR A 56 12.49 -20.82 -3.28
N ALA A 57 11.62 -20.35 -2.39
CA ALA A 57 11.96 -20.14 -0.98
C ALA A 57 11.47 -21.31 -0.12
N LEU A 58 12.33 -22.30 0.07
CA LEU A 58 11.97 -23.55 0.72
C LEU A 58 12.40 -23.54 2.18
N MET A 59 11.43 -23.78 3.08
CA MET A 59 11.69 -23.94 4.51
C MET A 59 11.83 -25.43 4.83
N SER A 60 12.87 -25.78 5.59
CA SER A 60 13.13 -27.18 5.94
C SER A 60 13.61 -27.30 7.39
N LEU A 61 13.50 -28.52 7.90
CA LEU A 61 14.04 -28.86 9.20
C LEU A 61 14.58 -30.29 9.13
N PHE A 62 15.80 -30.46 9.62
CA PHE A 62 16.50 -31.75 9.57
C PHE A 62 16.61 -32.27 8.14
N GLY A 63 16.68 -31.36 7.18
CA GLY A 63 16.70 -31.76 5.79
C GLY A 63 15.36 -32.10 5.19
N ILE A 64 14.27 -31.99 5.96
CA ILE A 64 12.95 -32.37 5.50
C ILE A 64 12.23 -31.13 4.96
N PRO A 65 11.83 -31.12 3.68
CA PRO A 65 11.11 -29.94 3.16
C PRO A 65 9.75 -29.80 3.84
N LEU A 66 9.41 -28.57 4.21
CA LEU A 66 8.19 -28.30 4.96
C LEU A 66 7.21 -27.40 4.23
N TRP A 67 7.68 -26.33 3.59
CA TRP A 67 6.78 -25.27 3.16
C TRP A 67 7.54 -24.37 2.20
N TYR A 68 6.84 -23.86 1.17
CA TYR A 68 7.37 -22.78 0.34
C TYR A 68 6.83 -21.43 0.82
N PHE A 69 7.72 -20.45 0.95
CA PHE A 69 7.37 -19.16 1.51
C PHE A 69 7.19 -18.12 0.40
N SER A 70 6.09 -17.37 0.45
CA SER A 70 5.88 -16.18 -0.37
C SER A 70 5.14 -15.13 0.45
N GLN A 71 5.31 -13.85 0.09
CA GLN A 71 4.77 -12.75 0.88
C GLN A 71 3.27 -12.58 0.67
N SER A 72 2.56 -12.22 1.77
CA SER A 72 1.11 -11.99 1.81
C SER A 72 0.77 -10.59 1.34
N PRO A 73 -0.41 -10.39 0.79
CA PRO A 73 -0.89 -9.04 0.52
C PRO A 73 -0.88 -8.14 1.74
N ARG A 74 -0.94 -8.72 2.95
CA ARG A 74 -0.92 -7.89 4.17
C ARG A 74 0.37 -7.07 4.34
N VAL A 75 1.46 -7.49 3.68
CA VAL A 75 2.72 -6.75 3.87
C VAL A 75 2.61 -5.31 3.32
N VAL A 76 1.64 -5.04 2.44
CA VAL A 76 1.45 -3.70 1.85
C VAL A 76 1.00 -2.67 2.90
N ILE A 77 0.45 -3.09 4.07
CA ILE A 77 0.07 -2.15 5.11
C ILE A 77 0.89 -2.39 6.39
N GLN A 78 2.17 -2.82 6.20
CA GLN A 78 3.17 -3.01 7.27
C GLN A 78 4.42 -2.17 6.94
N PRO A 79 5.10 -1.58 7.93
CA PRO A 79 6.07 -0.50 7.60
C PRO A 79 7.46 -0.92 7.09
N ASP A 80 7.93 -2.15 7.35
CA ASP A 80 9.24 -2.62 6.84
C ASP A 80 9.29 -2.59 5.31
N ILE A 81 10.30 -1.90 4.74
CA ILE A 81 10.46 -1.90 3.29
C ILE A 81 11.89 -2.27 2.85
N TYR A 82 12.55 -3.16 3.60
CA TYR A 82 13.77 -3.77 3.10
C TYR A 82 13.46 -4.52 1.80
N PRO A 83 14.42 -4.61 0.87
CA PRO A 83 14.20 -5.37 -0.37
C PRO A 83 13.56 -6.74 -0.13
N GLY A 84 12.49 -7.02 -0.90
CA GLY A 84 11.75 -8.28 -0.82
C GLY A 84 10.54 -8.26 0.10
N ASN A 85 10.39 -7.24 0.94
CA ASN A 85 9.24 -7.13 1.85
C ASN A 85 8.07 -6.41 1.17
N CYS A 86 7.56 -7.06 0.11
CA CYS A 86 6.59 -6.51 -0.82
C CYS A 86 5.68 -7.63 -1.29
N TRP A 87 4.49 -7.26 -1.76
CA TRP A 87 3.54 -8.21 -2.35
C TRP A 87 3.72 -8.20 -3.87
N ALA A 88 3.93 -9.38 -4.44
CA ALA A 88 4.15 -9.53 -5.88
C ALA A 88 2.95 -10.22 -6.51
N PHE A 89 2.39 -9.61 -7.57
CA PHE A 89 1.33 -10.26 -8.34
C PHE A 89 1.76 -10.44 -9.80
N LYS A 90 1.18 -11.45 -10.45
CA LYS A 90 1.53 -11.79 -11.83
C LYS A 90 1.05 -10.72 -12.79
N GLY A 91 1.87 -10.41 -13.81
CA GLY A 91 1.52 -9.41 -14.82
C GLY A 91 1.67 -7.98 -14.29
N SER A 92 0.94 -7.05 -14.93
CA SER A 92 1.03 -5.65 -14.51
C SER A 92 -0.33 -5.00 -14.23
N GLN A 93 -1.40 -5.77 -14.08
CA GLN A 93 -2.69 -5.27 -13.58
C GLN A 93 -3.06 -5.95 -12.26
N GLY A 94 -3.36 -5.15 -11.23
CA GLY A 94 -3.63 -5.69 -9.90
C GLY A 94 -4.66 -4.88 -9.15
N TYR A 95 -5.21 -5.50 -8.08
CA TYR A 95 -6.29 -4.93 -7.28
C TYR A 95 -6.10 -5.21 -5.78
N LEU A 96 -6.35 -4.20 -4.93
CA LEU A 96 -6.23 -4.35 -3.48
C LEU A 96 -7.33 -3.54 -2.80
N VAL A 97 -8.21 -4.22 -2.04
CA VAL A 97 -9.32 -3.58 -1.32
C VAL A 97 -8.96 -3.50 0.17
N VAL A 98 -8.89 -2.27 0.69
CA VAL A 98 -8.42 -1.97 2.03
C VAL A 98 -9.55 -1.35 2.87
N ARG A 99 -9.78 -1.89 4.08
CA ARG A 99 -10.69 -1.26 5.04
C ARG A 99 -9.90 -0.37 6.02
N LEU A 100 -10.26 0.93 6.09
CA LEU A 100 -9.57 1.90 6.94
C LEU A 100 -9.95 1.75 8.41
N SER A 101 -9.08 2.28 9.31
CA SER A 101 -9.34 2.15 10.74
C SER A 101 -10.50 3.02 11.23
N MET A 102 -10.84 4.09 10.50
CA MET A 102 -11.93 5.01 10.82
C MET A 102 -12.61 5.45 9.53
N MET A 103 -13.85 5.93 9.64
CA MET A 103 -14.51 6.63 8.54
C MET A 103 -13.92 8.03 8.39
N ILE A 104 -13.42 8.38 7.17
CA ILE A 104 -12.71 9.64 6.96
C ILE A 104 -13.12 10.32 5.64
N HIS A 105 -12.78 11.62 5.53
CA HIS A 105 -12.71 12.29 4.23
C HIS A 105 -11.28 12.15 3.68
N PRO A 106 -11.04 11.26 2.70
CA PRO A 106 -9.66 11.05 2.21
C PRO A 106 -9.13 12.29 1.49
N ALA A 107 -7.87 12.66 1.81
CA ALA A 107 -7.27 13.84 1.21
C ALA A 107 -5.98 13.57 0.43
N ALA A 108 -5.26 12.48 0.71
CA ALA A 108 -3.99 12.21 0.07
C ALA A 108 -3.63 10.73 0.30
N PHE A 109 -2.72 10.24 -0.55
CA PHE A 109 -2.22 8.86 -0.56
C PHE A 109 -0.70 8.88 -0.70
N THR A 110 -0.04 7.86 -0.10
CA THR A 110 1.40 7.66 -0.24
C THR A 110 1.70 6.29 -0.83
N LEU A 111 2.67 6.20 -1.73
CA LEU A 111 3.18 4.93 -2.26
C LEU A 111 4.71 4.94 -2.08
N GLU A 112 5.26 3.83 -1.56
CA GLU A 112 6.71 3.67 -1.43
C GLU A 112 7.19 2.47 -2.25
N HIS A 113 8.43 2.59 -2.79
CA HIS A 113 9.18 1.49 -3.41
C HIS A 113 10.65 1.61 -2.99
N ILE A 114 11.41 0.54 -3.09
CA ILE A 114 12.83 0.67 -2.75
C ILE A 114 13.52 1.59 -3.77
N PRO A 115 14.61 2.25 -3.39
CA PRO A 115 15.37 3.03 -4.39
C PRO A 115 16.29 2.13 -5.21
N LYS A 116 16.66 2.63 -6.40
CA LYS A 116 17.52 1.85 -7.28
C LYS A 116 18.85 1.49 -6.65
N THR A 117 19.40 2.35 -5.78
CA THR A 117 20.69 2.04 -5.17
C THR A 117 20.68 0.79 -4.31
N LEU A 118 19.49 0.32 -3.87
CA LEU A 118 19.39 -0.90 -3.06
C LEU A 118 18.86 -2.10 -3.83
N SER A 119 18.54 -1.93 -5.11
CA SER A 119 18.05 -3.03 -5.94
C SER A 119 19.22 -3.73 -6.60
N PRO A 120 19.32 -5.04 -6.50
CA PRO A 120 20.53 -5.72 -7.00
C PRO A 120 20.81 -5.53 -8.48
N THR A 121 19.77 -5.37 -9.31
CA THR A 121 19.99 -5.18 -10.74
C THR A 121 20.33 -3.74 -11.10
N GLY A 122 20.11 -2.79 -10.22
CA GLY A 122 20.27 -1.39 -10.59
C GLY A 122 19.03 -0.74 -11.18
N ASN A 123 17.94 -1.49 -11.38
CA ASN A 123 16.70 -0.92 -11.86
C ASN A 123 15.56 -1.32 -10.93
N ILE A 124 14.45 -0.63 -11.05
CA ILE A 124 13.24 -0.99 -10.30
C ILE A 124 12.08 -1.20 -11.28
N SER A 125 12.30 -2.05 -12.28
CA SER A 125 11.31 -2.26 -13.34
C SER A 125 10.01 -2.93 -12.84
N SER A 126 10.03 -3.57 -11.66
CA SER A 126 8.85 -4.15 -11.04
C SER A 126 7.97 -3.13 -10.32
N ALA A 127 8.42 -1.89 -10.20
CA ALA A 127 7.62 -0.91 -9.48
C ALA A 127 6.33 -0.57 -10.23
N PRO A 128 5.28 -0.17 -9.50
CA PRO A 128 4.06 0.30 -10.17
C PRO A 128 4.31 1.61 -10.91
N LYS A 129 3.55 1.80 -12.00
CA LYS A 129 3.61 3.02 -12.80
C LYS A 129 2.27 3.74 -12.71
N ASP A 130 1.30 3.48 -13.61
CA ASP A 130 -0.01 4.12 -13.56
C ASP A 130 -0.94 3.41 -12.59
N PHE A 131 -1.67 4.18 -11.77
CA PHE A 131 -2.60 3.61 -10.80
C PHE A 131 -3.73 4.60 -10.49
N ALA A 132 -4.79 4.12 -9.83
CA ALA A 132 -5.89 4.97 -9.38
C ALA A 132 -6.44 4.45 -8.04
N VAL A 133 -7.12 5.34 -7.30
CA VAL A 133 -7.75 5.00 -6.03
C VAL A 133 -9.25 5.36 -6.10
N TYR A 134 -10.08 4.47 -5.51
CA TYR A 134 -11.53 4.59 -5.47
C TYR A 134 -12.09 4.44 -4.04
N GLY A 135 -13.20 5.12 -3.77
CA GLY A 135 -13.94 4.97 -2.52
C GLY A 135 -15.15 4.09 -2.68
N LEU A 136 -15.30 3.11 -1.77
CA LEU A 136 -16.40 2.15 -1.81
C LEU A 136 -17.31 2.27 -0.59
N GLU A 137 -18.62 2.11 -0.81
N GLU A 137 -18.62 2.11 -0.83
CA GLU A 137 -19.59 2.17 0.27
CA GLU A 137 -19.61 2.17 0.25
C GLU A 137 -19.68 0.87 1.05
C GLU A 137 -19.68 0.87 1.05
N ASN A 138 -19.42 -0.27 0.41
CA ASN A 138 -19.40 -1.55 1.11
C ASN A 138 -18.46 -2.50 0.38
N GLU A 139 -18.14 -3.62 1.04
N GLU A 139 -18.11 -3.61 1.05
CA GLU A 139 -17.11 -4.58 0.61
CA GLU A 139 -17.08 -4.50 0.52
C GLU A 139 -17.51 -5.42 -0.59
C GLU A 139 -17.43 -5.09 -0.84
N TYR A 140 -18.72 -5.26 -1.11
CA TYR A 140 -19.16 -5.99 -2.29
C TYR A 140 -19.48 -5.08 -3.47
N GLN A 141 -19.20 -3.78 -3.35
CA GLN A 141 -19.43 -2.87 -4.46
C GLN A 141 -18.38 -3.14 -5.54
N GLU A 142 -18.82 -3.24 -6.79
CA GLU A 142 -17.89 -3.56 -7.86
C GLU A 142 -17.15 -2.34 -8.41
N GLU A 143 -17.79 -1.17 -8.46
CA GLU A 143 -17.22 0.05 -9.00
C GLU A 143 -17.45 1.23 -8.06
N GLY A 144 -16.37 1.78 -7.53
CA GLY A 144 -16.44 2.88 -6.57
C GLY A 144 -16.34 4.25 -7.22
N GLN A 145 -16.25 5.28 -6.36
CA GLN A 145 -16.11 6.67 -6.82
C GLN A 145 -14.62 7.00 -6.98
N LEU A 146 -14.26 7.59 -8.12
CA LEU A 146 -12.84 7.89 -8.37
C LEU A 146 -12.33 8.96 -7.39
N LEU A 147 -11.24 8.66 -6.66
CA LEU A 147 -10.57 9.66 -5.80
C LEU A 147 -9.31 10.26 -6.43
N GLY A 148 -8.78 9.66 -7.49
CA GLY A 148 -7.69 10.25 -8.25
C GLY A 148 -6.97 9.19 -9.08
N GLN A 149 -6.31 9.68 -10.15
CA GLN A 149 -5.44 8.85 -10.97
C GLN A 149 -4.05 9.47 -11.05
N PHE A 150 -3.01 8.61 -10.98
CA PHE A 150 -1.65 9.06 -10.69
C PHE A 150 -0.61 8.18 -11.41
N THR A 151 0.66 8.64 -11.44
CA THR A 151 1.81 7.84 -11.88
C THR A 151 2.95 7.88 -10.85
N TYR A 152 3.42 6.69 -10.41
CA TYR A 152 4.63 6.61 -9.58
C TYR A 152 5.85 6.80 -10.49
N ASP A 153 6.71 7.75 -10.15
CA ASP A 153 7.83 8.13 -11.02
C ASP A 153 9.09 7.36 -10.66
N GLN A 154 9.57 6.51 -11.57
CA GLN A 154 10.75 5.69 -11.23
C GLN A 154 12.03 6.53 -11.08
N ASP A 155 12.02 7.79 -11.53
CA ASP A 155 13.16 8.67 -11.36
C ASP A 155 13.01 9.62 -10.18
N GLY A 156 11.97 9.44 -9.37
CA GLY A 156 11.75 10.26 -8.18
C GLY A 156 12.29 9.62 -6.90
N GLU A 157 11.81 10.13 -5.77
CA GLU A 157 12.21 9.65 -4.47
C GLU A 157 11.49 8.36 -4.11
N SER A 158 12.03 7.63 -3.13
CA SER A 158 11.43 6.37 -2.70
C SER A 158 9.98 6.53 -2.27
N LEU A 159 9.71 7.53 -1.41
CA LEU A 159 8.37 7.84 -0.91
C LEU A 159 7.75 8.99 -1.73
N GLN A 160 6.59 8.75 -2.32
CA GLN A 160 5.89 9.77 -3.10
C GLN A 160 4.46 9.95 -2.61
N MET A 161 3.98 11.22 -2.61
CA MET A 161 2.65 11.55 -2.13
CA MET A 161 2.65 11.55 -2.13
C MET A 161 1.78 12.14 -3.23
N PHE A 162 0.47 11.85 -3.16
CA PHE A 162 -0.50 12.14 -4.21
C PHE A 162 -1.78 12.74 -3.64
N GLN A 163 -2.28 13.84 -4.24
CA GLN A 163 -3.43 14.56 -3.68
C GLN A 163 -4.76 14.09 -4.29
N ALA A 164 -5.76 13.82 -3.44
CA ALA A 164 -7.06 13.40 -3.94
C ALA A 164 -7.77 14.54 -4.68
N LEU A 165 -8.67 14.16 -5.60
CA LEU A 165 -9.49 15.12 -6.32
C LEU A 165 -10.38 15.92 -5.38
N LYS A 166 -10.59 17.18 -5.71
CA LYS A 166 -11.48 18.03 -4.93
C LYS A 166 -12.83 18.12 -5.64
N ARG A 167 -13.89 17.85 -4.92
CA ARG A 167 -15.26 17.95 -5.42
C ARG A 167 -16.08 18.85 -4.52
N PRO A 168 -17.15 19.46 -5.07
CA PRO A 168 -17.96 20.36 -4.24
C PRO A 168 -18.64 19.68 -3.07
N ASP A 169 -18.94 18.39 -3.16
CA ASP A 169 -19.49 17.62 -2.05
C ASP A 169 -18.46 16.57 -1.66
N ASP A 170 -18.04 16.58 -0.39
CA ASP A 170 -17.01 15.67 0.10
C ASP A 170 -17.68 14.49 0.81
N THR A 171 -17.63 13.32 0.19
CA THR A 171 -18.18 12.10 0.76
C THR A 171 -17.13 11.36 1.60
N ALA A 172 -17.59 10.77 2.70
CA ALA A 172 -16.73 9.99 3.59
C ALA A 172 -16.73 8.51 3.21
N PHE A 173 -15.60 7.86 3.44
CA PHE A 173 -15.43 6.44 3.11
C PHE A 173 -14.64 5.75 4.24
N GLN A 174 -14.96 4.47 4.45
CA GLN A 174 -14.11 3.59 5.27
C GLN A 174 -13.53 2.42 4.48
N ILE A 175 -13.80 2.30 3.18
CA ILE A 175 -13.18 1.30 2.31
C ILE A 175 -12.64 1.98 1.05
N VAL A 176 -11.39 1.67 0.67
CA VAL A 176 -10.83 2.15 -0.59
C VAL A 176 -10.28 0.97 -1.41
N GLU A 177 -10.17 1.19 -2.72
CA GLU A 177 -9.63 0.19 -3.63
C GLU A 177 -8.50 0.83 -4.41
N LEU A 178 -7.33 0.18 -4.41
CA LEU A 178 -6.17 0.56 -5.21
C LEU A 178 -6.13 -0.31 -6.45
N ARG A 179 -6.08 0.31 -7.63
CA ARG A 179 -5.95 -0.41 -8.89
C ARG A 179 -4.65 -0.02 -9.58
N ILE A 180 -3.83 -1.02 -9.93
CA ILE A 180 -2.58 -0.80 -10.65
C ILE A 180 -2.81 -1.21 -12.09
N PHE A 181 -2.51 -0.30 -13.05
CA PHE A 181 -2.75 -0.53 -14.47
C PHE A 181 -1.48 -0.87 -15.29
N SER A 182 -0.29 -0.51 -14.82
CA SER A 182 0.95 -0.76 -15.56
C SER A 182 2.11 -0.76 -14.57
N ASN A 183 3.25 -1.31 -15.00
CA ASN A 183 4.49 -1.28 -14.21
C ASN A 183 5.61 -0.66 -15.04
N TRP A 184 6.82 -0.62 -14.49
CA TRP A 184 7.96 0.00 -15.16
C TRP A 184 8.74 -1.01 -16.04
N GLY A 185 8.08 -2.07 -16.48
CA GLY A 185 8.59 -2.92 -17.55
C GLY A 185 8.93 -4.36 -17.17
N HIS A 186 8.88 -4.75 -15.91
CA HIS A 186 9.22 -6.14 -15.56
C HIS A 186 8.26 -7.08 -16.30
N PRO A 187 8.74 -8.13 -16.95
CA PRO A 187 7.86 -8.94 -17.78
C PRO A 187 7.08 -10.03 -17.05
N GLU A 188 7.37 -10.29 -15.78
CA GLU A 188 6.72 -11.38 -15.06
C GLU A 188 5.79 -10.94 -13.93
N TYR A 189 6.14 -9.85 -13.19
CA TYR A 189 5.38 -9.43 -12.02
C TYR A 189 5.54 -7.93 -11.73
N THR A 190 4.74 -7.47 -10.76
CA THR A 190 4.73 -6.13 -10.17
C THR A 190 4.78 -6.28 -8.65
N CYS A 191 5.59 -5.45 -7.98
CA CYS A 191 5.85 -5.53 -6.54
C CYS A 191 5.37 -4.25 -5.85
N LEU A 192 4.61 -4.39 -4.76
N LEU A 192 4.59 -4.41 -4.77
CA LEU A 192 4.10 -3.23 -4.03
CA LEU A 192 4.09 -3.27 -3.99
C LEU A 192 4.61 -3.29 -2.59
C LEU A 192 4.68 -3.33 -2.58
N TYR A 193 5.41 -2.28 -2.20
CA TYR A 193 6.02 -2.26 -0.86
C TYR A 193 5.14 -1.68 0.25
N ARG A 194 4.58 -0.49 0.06
CA ARG A 194 3.66 0.07 1.05
C ARG A 194 2.75 1.12 0.41
N PHE A 195 1.48 1.10 0.84
CA PHE A 195 0.42 2.04 0.45
C PHE A 195 -0.21 2.65 1.72
N ARG A 196 -0.31 3.97 1.76
CA ARG A 196 -0.88 4.70 2.91
C ARG A 196 -2.06 5.61 2.47
N VAL A 197 -2.99 5.85 3.40
CA VAL A 197 -4.17 6.70 3.16
C VAL A 197 -4.26 7.76 4.26
N HIS A 198 -4.37 9.03 3.86
CA HIS A 198 -4.40 10.18 4.76
C HIS A 198 -5.69 10.97 4.61
N GLY A 199 -6.12 11.62 5.71
CA GLY A 199 -7.29 12.49 5.66
C GLY A 199 -7.77 12.91 7.05
N GLU A 200 -9.06 13.27 7.12
CA GLU A 200 -9.66 13.83 8.32
C GLU A 200 -10.83 12.96 8.78
N PRO A 201 -10.84 12.50 10.03
CA PRO A 201 -11.94 11.63 10.47
C PRO A 201 -13.24 12.38 10.66
N VAL A 202 -14.34 11.70 10.34
CA VAL A 202 -15.65 12.32 10.52
C VAL A 202 -15.91 12.51 12.02
N LYS A 203 -16.53 13.63 12.35
CA LYS A 203 -16.82 13.96 13.74
C LYS A 203 -18.30 13.66 14.04
N GLU B 4 -18.50 -12.03 -19.16
CA GLU B 4 -17.34 -11.24 -19.56
C GLU B 4 -16.27 -11.29 -18.46
N GLU B 5 -15.02 -11.05 -18.85
CA GLU B 5 -13.92 -11.09 -17.89
C GLU B 5 -14.05 -10.00 -16.84
N ASP B 6 -14.47 -8.80 -17.25
CA ASP B 6 -14.60 -7.69 -16.31
C ASP B 6 -15.59 -8.01 -15.20
N TYR B 7 -16.65 -8.77 -15.51
CA TYR B 7 -17.66 -9.07 -14.50
C TYR B 7 -17.21 -10.19 -13.56
N SER B 8 -16.41 -11.13 -14.05
CA SER B 8 -15.96 -12.22 -13.19
C SER B 8 -14.93 -11.75 -12.17
N CYS B 9 -14.07 -10.79 -12.54
CA CYS B 9 -13.01 -10.34 -11.63
C CYS B 9 -13.60 -9.74 -10.36
N ALA B 10 -14.65 -8.93 -10.49
CA ALA B 10 -15.30 -8.36 -9.32
C ALA B 10 -15.79 -9.46 -8.38
N LEU B 11 -16.27 -10.58 -8.95
CA LEU B 11 -16.79 -11.66 -8.14
C LEU B 11 -15.72 -12.29 -7.25
N SER B 12 -14.48 -12.33 -7.73
CA SER B 12 -13.43 -13.14 -7.14
C SER B 12 -12.81 -12.48 -5.92
N ASN B 13 -12.11 -13.31 -5.14
CA ASN B 13 -11.25 -12.81 -4.02
C ASN B 13 -10.22 -13.94 -3.80
N ASN B 14 -9.13 -13.88 -4.55
CA ASN B 14 -8.15 -14.98 -4.48
C ASN B 14 -7.44 -15.03 -3.12
N PHE B 15 -7.25 -13.88 -2.47
CA PHE B 15 -6.62 -13.86 -1.14
C PHE B 15 -7.42 -14.69 -0.13
N ALA B 16 -8.74 -14.69 -0.24
CA ALA B 16 -9.58 -15.43 0.70
C ALA B 16 -9.50 -16.95 0.52
N ARG B 17 -9.00 -17.42 -0.62
CA ARG B 17 -8.87 -18.85 -0.86
C ARG B 17 -7.41 -19.30 -0.92
N SER B 18 -6.51 -18.57 -0.27
CA SER B 18 -5.08 -18.82 -0.26
C SER B 18 -4.66 -19.41 1.09
N PHE B 19 -3.37 -19.71 1.21
CA PHE B 19 -2.76 -20.13 2.48
C PHE B 19 -2.22 -18.96 3.31
N HIS B 20 -2.48 -17.72 2.92
CA HIS B 20 -2.12 -16.55 3.73
C HIS B 20 -3.23 -16.24 4.74
N PRO B 21 -2.97 -16.33 6.05
CA PRO B 21 -4.03 -16.00 7.03
C PRO B 21 -4.53 -14.56 6.92
N MET B 22 -5.84 -14.39 7.14
CA MET B 22 -6.49 -13.10 7.11
C MET B 22 -6.63 -12.53 8.52
N LEU B 23 -6.55 -11.21 8.62
CA LEU B 23 -6.78 -10.48 9.88
C LEU B 23 -7.81 -9.38 9.60
N ARG B 24 -9.01 -9.52 10.13
N ARG B 24 -9.00 -9.49 10.18
CA ARG B 24 -10.06 -8.53 9.94
CA ARG B 24 -10.08 -8.55 9.95
C ARG B 24 -10.48 -7.93 11.28
C ARG B 24 -10.56 -7.94 11.25
N TYR B 25 -10.64 -6.61 11.30
CA TYR B 25 -11.15 -5.89 12.47
C TYR B 25 -12.67 -5.79 12.36
N THR B 26 -13.37 -6.48 13.27
CA THR B 26 -14.83 -6.58 13.21
C THR B 26 -15.46 -5.33 13.83
N ASN B 27 -15.34 -4.22 13.09
CA ASN B 27 -16.07 -2.96 13.30
C ASN B 27 -15.57 -2.12 14.46
N GLY B 28 -14.41 -2.41 15.03
CA GLY B 28 -13.83 -1.56 16.05
C GLY B 28 -12.32 -1.45 15.91
N PRO B 29 -11.78 -0.23 16.00
CA PRO B 29 -10.32 -0.11 16.05
C PRO B 29 -9.76 -0.74 17.31
N PRO B 30 -8.56 -1.31 17.24
CA PRO B 30 -7.94 -1.86 18.45
C PRO B 30 -7.47 -0.75 19.36
N PRO B 31 -7.10 -1.09 20.60
CA PRO B 31 -6.58 -0.07 21.52
C PRO B 31 -5.32 0.56 20.96
N LEU B 32 -5.17 1.87 21.14
CA LEU B 32 -3.92 2.54 20.75
C LEU B 32 -3.74 3.87 21.48
K K C . 5.96 -3.57 3.52
C1 PGE D . 12.43 17.48 3.20
O1 PGE D . 12.10 18.01 1.92
C2 PGE D . 12.27 15.98 3.19
O2 PGE D . 11.38 15.63 4.25
C3 PGE D . 10.75 14.37 4.10
C4 PGE D . 9.24 14.57 4.18
O4 PGE D . 7.59 14.04 0.65
C6 PGE D . 7.08 14.79 1.76
C5 PGE D . 7.26 14.00 3.04
O3 PGE D . 8.63 13.71 3.25
H1 PGE D . 13.47 17.71 3.48
H12 PGE D . 11.78 17.90 3.99
HO1 PGE D . 12.19 18.97 1.96
H2 PGE D . 13.24 15.50 3.33
H22 PGE D . 11.87 15.66 2.22
H3 PGE D . 11.06 13.67 4.89
H32 PGE D . 10.99 13.91 3.13
H4 PGE D . 9.00 15.62 3.97
H42 PGE D . 8.90 14.34 5.21
HO4 PGE D . 8.30 13.49 0.98
H6 PGE D . 7.60 15.75 1.87
H62 PGE D . 6.00 15.00 1.63
H5 PGE D . 6.67 13.08 2.98
H52 PGE D . 6.85 14.60 3.88
N1 EPE E . 5.47 -30.91 2.15
C2 EPE E . 5.62 -29.50 1.74
C3 EPE E . 5.83 -29.38 0.23
N4 EPE E . 6.86 -30.27 -0.23
C5 EPE E . 6.76 -31.66 0.20
C6 EPE E . 6.63 -31.70 1.71
C7 EPE E . 7.57 -29.95 -1.46
C8 EPE E . 8.90 -30.66 -1.60
O8 EPE E . 9.72 -29.95 -2.50
C9 EPE E . 5.39 -30.95 3.62
C10 EPE E . 4.47 -32.09 4.05
S EPE E . 5.39 -33.41 4.87
O1S EPE E . 4.65 -34.67 4.76
O2S EPE E . 5.57 -33.07 6.28
O3S EPE E . 6.71 -33.57 4.24
H21 EPE E . 6.48 -29.07 2.26
H22 EPE E . 4.73 -28.93 2.02
H31 EPE E . 6.11 -28.36 -0.02
H32 EPE E . 4.89 -29.60 -0.28
H51 EPE E . 7.66 -32.20 -0.11
H52 EPE E . 5.91 -32.13 -0.27
H61 EPE E . 7.53 -31.32 2.18
H62 EPE E . 6.50 -32.74 2.04
H71 EPE E . 7.74 -28.87 -1.48
H72 EPE E . 6.94 -30.21 -2.31
H81 EPE E . 8.75 -31.67 -1.96
H82 EPE E . 9.39 -30.73 -0.62
HO8 EPE E . 9.23 -29.19 -2.86
H91 EPE E . 6.38 -31.11 4.04
H92 EPE E . 5.01 -30.01 3.99
H101 EPE E . 3.72 -31.69 4.74
H102 EPE E . 3.95 -32.49 3.19
#